data_4YVH
#
_entry.id   4YVH
#
_cell.length_a   93.766
_cell.length_b   93.766
_cell.length_c   177.907
_cell.angle_alpha   90.00
_cell.angle_beta   90.00
_cell.angle_gamma   120.00
#
_symmetry.space_group_name_H-M   'H 3 2'
#
loop_
_entity.id
_entity.type
_entity.pdbx_description
1 polymer 'tRNA (guanine-N(1)-)-methyltransferase'
2 non-polymer SINEFUNGIN
3 water water
#
_entity_poly.entity_id   1
_entity_poly.type   'polypeptide(L)'
_entity_poly.pdbx_seq_one_letter_code
;MGSSHHHHHHSSGLVPRGSHMWIGVISLFPEMFKAITEFGVTGRAVKHNLLKVECWNPRDFTFDKHKTVDDRPYGGGPGM
LMMVQPLRDAIHTAKAAAGEGAKVIYLSPQGRKLDQGGVTELAQNQKLILVCGRYEGIDERLIQTEIDEEWSIGDYVLTG
GELPAMTLIDAVARFIPGVLGKQASAEEDSFADGLLDCPHYTRPEVLEGLTVPPVLMSGHHEEIRKWRLKQSLQRTWLRR
PELLEGLALTDEQRKLLKEAQAEHNS
;
_entity_poly.pdbx_strand_id   A
#
# COMPACT_ATOMS: atom_id res chain seq x y z
N SER A 19 9.66 -16.31 4.92
CA SER A 19 9.75 -16.25 3.47
C SER A 19 10.19 -14.86 3.03
N HIS A 20 10.25 -14.67 1.72
CA HIS A 20 10.92 -13.51 1.18
C HIS A 20 10.20 -13.00 -0.08
N MET A 21 10.37 -11.72 -0.32
CA MET A 21 9.69 -11.11 -1.44
C MET A 21 10.74 -10.36 -2.21
N TRP A 22 10.66 -10.41 -3.52
CA TRP A 22 11.52 -9.62 -4.38
C TRP A 22 10.64 -8.63 -5.14
N ILE A 23 11.05 -7.36 -5.11
CA ILE A 23 10.34 -6.30 -5.85
C ILE A 23 11.29 -5.61 -6.79
N GLY A 24 10.99 -5.65 -8.08
CA GLY A 24 11.72 -4.90 -9.10
C GLY A 24 10.95 -3.59 -9.31
N VAL A 25 11.68 -2.50 -9.43
CA VAL A 25 11.04 -1.17 -9.60
C VAL A 25 11.63 -0.51 -10.82
N ILE A 26 10.76 0.10 -11.65
CA ILE A 26 11.22 0.92 -12.77
C ILE A 26 10.85 2.35 -12.42
N SER A 27 11.85 3.22 -12.33
CA SER A 27 11.66 4.59 -11.83
C SER A 27 12.74 5.49 -12.31
N LEU A 28 12.34 6.71 -12.70
CA LEU A 28 13.27 7.80 -12.97
C LEU A 28 13.99 8.38 -11.74
N PHE A 29 13.48 8.06 -10.55
CA PHE A 29 14.03 8.58 -9.32
C PHE A 29 14.22 7.47 -8.29
N PRO A 30 15.07 6.51 -8.61
CA PRO A 30 15.24 5.36 -7.71
C PRO A 30 15.69 5.76 -6.30
N GLU A 31 16.38 6.88 -6.14
CA GLU A 31 16.79 7.24 -4.77
C GLU A 31 15.62 7.52 -3.85
N MET A 32 14.45 7.81 -4.40
CA MET A 32 13.24 7.96 -3.56
C MET A 32 13.01 6.75 -2.67
N PHE A 33 13.38 5.57 -3.18
CA PHE A 33 13.09 4.34 -2.48
C PHE A 33 13.92 4.13 -1.21
N LYS A 34 14.95 4.94 -1.01
CA LYS A 34 15.62 4.97 0.32
C LYS A 34 14.62 5.21 1.44
N ALA A 35 13.52 5.89 1.16
CA ALA A 35 12.53 6.16 2.23
C ALA A 35 12.00 4.86 2.83
N ILE A 36 11.88 3.82 2.01
CA ILE A 36 11.50 2.53 2.57
C ILE A 36 12.66 1.57 2.83
N THR A 37 13.73 1.63 2.04
CA THR A 37 14.82 0.65 2.23
C THR A 37 15.80 1.01 3.35
N GLU A 38 15.79 2.27 3.83
CA GLU A 38 16.79 2.68 4.83
C GLU A 38 16.18 2.91 6.22
N PHE A 39 14.87 2.91 6.34
CA PHE A 39 14.25 3.34 7.58
C PHE A 39 13.15 2.45 8.09
N GLY A 40 13.11 2.33 9.42
CA GLY A 40 12.00 1.66 10.06
C GLY A 40 11.90 0.17 9.81
N VAL A 41 10.72 -0.37 10.01
CA VAL A 41 10.42 -1.77 9.82
C VAL A 41 10.80 -2.25 8.40
N THR A 42 10.49 -1.45 7.38
CA THR A 42 10.80 -1.92 6.05
C THR A 42 12.31 -1.92 5.79
N GLY A 43 13.02 -0.96 6.38
CA GLY A 43 14.45 -0.84 6.22
C GLY A 43 15.09 -2.07 6.85
N ARG A 44 14.59 -2.47 8.00
CA ARG A 44 15.15 -3.65 8.68
C ARG A 44 14.87 -4.90 7.85
N ALA A 45 13.68 -4.97 7.23
CA ALA A 45 13.35 -6.10 6.34
C ALA A 45 14.34 -6.21 5.20
N VAL A 46 14.73 -5.06 4.62
CA VAL A 46 15.69 -5.07 3.52
C VAL A 46 17.07 -5.47 3.99
N LYS A 47 17.50 -4.88 5.11
CA LYS A 47 18.84 -5.20 5.61
C LYS A 47 18.96 -6.68 5.98
N HIS A 48 17.86 -7.27 6.43
CA HIS A 48 17.90 -8.68 6.81
C HIS A 48 17.55 -9.63 5.69
N ASN A 49 17.44 -9.10 4.48
CA ASN A 49 17.18 -9.91 3.29
C ASN A 49 15.81 -10.61 3.27
N LEU A 50 14.84 -10.09 4.01
CA LEU A 50 13.50 -10.64 3.98
C LEU A 50 12.79 -10.04 2.77
N LEU A 51 13.17 -8.82 2.46
CA LEU A 51 12.60 -8.07 1.33
C LEU A 51 13.76 -7.61 0.47
N LYS A 52 13.71 -7.84 -0.86
CA LYS A 52 14.75 -7.29 -1.72
C LYS A 52 14.08 -6.35 -2.71
N VAL A 53 14.64 -5.16 -2.87
CA VAL A 53 14.15 -4.17 -3.83
C VAL A 53 15.27 -3.84 -4.79
N GLU A 54 15.02 -4.03 -6.07
CA GLU A 54 16.01 -3.73 -7.09
C GLU A 54 15.39 -2.71 -8.06
N CYS A 55 16.17 -1.75 -8.49
CA CYS A 55 15.65 -0.65 -9.31
C CYS A 55 16.32 -0.54 -10.66
N TRP A 56 15.54 -0.18 -11.67
CA TRP A 56 16.09 0.15 -12.98
C TRP A 56 15.56 1.50 -13.35
N ASN A 57 16.41 2.35 -13.90
CA ASN A 57 16.05 3.73 -14.25
C ASN A 57 16.04 3.87 -15.76
N PRO A 58 14.88 4.23 -16.37
CA PRO A 58 14.86 4.47 -17.82
C PRO A 58 15.96 5.42 -18.34
N ARG A 59 16.42 6.33 -17.53
CA ARG A 59 17.44 7.23 -18.00
C ARG A 59 18.68 6.47 -18.41
N ASP A 60 18.94 5.37 -17.71
CA ASP A 60 20.16 4.57 -18.03
C ASP A 60 20.04 3.80 -19.33
N PHE A 61 18.85 3.80 -19.92
CA PHE A 61 18.59 3.10 -21.16
C PHE A 61 18.44 4.05 -22.34
N THR A 62 18.77 5.35 -22.15
CA THR A 62 18.74 6.30 -23.25
C THR A 62 20.03 6.27 -24.05
N PHE A 63 19.94 6.77 -25.27
CA PHE A 63 21.15 6.81 -26.14
C PHE A 63 21.49 8.16 -26.66
N ASP A 64 20.60 9.13 -26.48
CA ASP A 64 20.94 10.44 -26.98
C ASP A 64 21.80 11.21 -25.96
N LYS A 65 22.45 12.27 -26.44
CA LYS A 65 23.38 13.01 -25.62
C LYS A 65 22.79 13.50 -24.31
N HIS A 66 21.53 13.93 -24.34
CA HIS A 66 20.94 14.54 -23.15
C HIS A 66 20.04 13.57 -22.40
N LYS A 67 20.08 12.29 -22.76
CA LYS A 67 19.42 11.27 -21.92
C LYS A 67 17.94 11.61 -21.71
N THR A 68 17.27 11.83 -22.85
CA THR A 68 15.86 12.21 -22.88
C THR A 68 14.94 11.06 -22.48
N VAL A 69 14.08 11.33 -21.49
CA VAL A 69 13.19 10.29 -21.00
C VAL A 69 11.70 10.65 -21.12
N ASP A 70 11.40 11.81 -21.70
CA ASP A 70 10.00 12.16 -22.00
C ASP A 70 9.78 12.32 -23.50
N ASP A 71 8.53 12.48 -23.89
CA ASP A 71 8.22 12.56 -25.33
C ASP A 71 6.83 13.23 -25.45
N ARG A 72 6.53 13.78 -26.62
CA ARG A 72 5.30 14.53 -26.78
C ARG A 72 4.15 13.58 -27.08
N PRO A 73 2.96 13.91 -26.55
CA PRO A 73 1.80 13.09 -26.83
C PRO A 73 1.23 13.38 -28.22
N TYR A 74 0.83 12.34 -28.93
CA TYR A 74 0.11 12.53 -30.19
C TYR A 74 -1.20 13.19 -29.83
N GLY A 75 -1.63 14.13 -30.68
CA GLY A 75 -2.91 14.77 -30.47
C GLY A 75 -2.78 16.12 -29.82
N GLY A 76 -1.55 16.48 -29.48
CA GLY A 76 -1.29 17.77 -28.91
C GLY A 76 -1.80 17.85 -27.49
N GLY A 77 -2.06 19.07 -27.06
CA GLY A 77 -2.52 19.26 -25.70
C GLY A 77 -1.33 19.32 -24.79
N PRO A 78 -1.59 19.56 -23.50
CA PRO A 78 -0.43 19.82 -22.66
C PRO A 78 0.15 18.53 -22.09
N GLY A 79 1.30 18.69 -21.50
CA GLY A 79 1.95 17.61 -20.81
C GLY A 79 2.83 16.77 -21.74
N MET A 80 3.60 15.94 -21.09
CA MET A 80 4.52 15.04 -21.78
C MET A 80 4.28 13.65 -21.25
N LEU A 81 4.70 12.65 -22.00
CA LEU A 81 4.59 11.27 -21.56
C LEU A 81 5.99 10.75 -21.33
N MET A 82 6.13 9.62 -20.60
CA MET A 82 7.46 8.97 -20.59
C MET A 82 7.74 8.48 -22.02
N MET A 83 8.99 8.65 -22.41
CA MET A 83 9.46 8.15 -23.71
C MET A 83 9.40 6.64 -23.73
N VAL A 84 8.87 6.09 -24.81
CA VAL A 84 8.67 4.65 -24.92
C VAL A 84 9.94 3.77 -24.86
N GLN A 85 10.91 4.07 -25.71
CA GLN A 85 12.05 3.17 -25.85
C GLN A 85 12.83 2.97 -24.52
N PRO A 86 13.18 4.07 -23.82
CA PRO A 86 13.97 3.82 -22.60
C PRO A 86 13.16 3.06 -21.54
N LEU A 87 11.87 3.39 -21.44
CA LEU A 87 11.01 2.75 -20.44
C LEU A 87 10.79 1.28 -20.77
N ARG A 88 10.52 1.00 -22.05
CA ARG A 88 10.35 -0.38 -22.52
C ARG A 88 11.61 -1.19 -22.23
N ASP A 89 12.75 -0.60 -22.51
CA ASP A 89 14.00 -1.32 -22.34
C ASP A 89 14.29 -1.61 -20.87
N ALA A 90 13.99 -0.65 -20.01
CA ALA A 90 14.08 -0.85 -18.59
C ALA A 90 13.16 -1.98 -18.13
N ILE A 91 11.93 -1.97 -18.60
CA ILE A 91 11.00 -3.00 -18.20
C ILE A 91 11.55 -4.38 -18.63
N HIS A 92 12.07 -4.47 -19.85
CA HIS A 92 12.55 -5.77 -20.31
C HIS A 92 13.72 -6.25 -19.47
N THR A 93 14.58 -5.34 -19.04
CA THR A 93 15.73 -5.71 -18.20
C THR A 93 15.26 -6.24 -16.86
N ALA A 94 14.25 -5.59 -16.26
CA ALA A 94 13.74 -6.03 -15.00
C ALA A 94 13.08 -7.39 -15.14
N LYS A 95 12.33 -7.62 -16.23
CA LYS A 95 11.61 -8.89 -16.44
C LYS A 95 12.66 -10.00 -16.58
N ALA A 96 13.76 -9.70 -17.25
CA ALA A 96 14.80 -10.74 -17.38
C ALA A 96 15.40 -11.10 -16.02
N ALA A 97 15.64 -10.09 -15.19
CA ALA A 97 16.12 -10.31 -13.82
C ALA A 97 15.15 -11.08 -12.94
N ALA A 98 13.85 -10.82 -13.11
CA ALA A 98 12.84 -11.41 -12.24
C ALA A 98 12.68 -12.87 -12.61
N GLY A 99 12.98 -13.17 -13.87
CA GLY A 99 12.78 -14.50 -14.40
C GLY A 99 11.31 -14.81 -14.46
N GLU A 100 10.99 -16.09 -14.31
CA GLU A 100 9.60 -16.54 -14.44
C GLU A 100 8.73 -16.23 -13.22
N GLY A 101 7.46 -16.00 -13.52
CA GLY A 101 6.43 -15.84 -12.52
C GLY A 101 6.25 -14.43 -11.96
N ALA A 102 6.90 -13.44 -12.55
CA ALA A 102 6.81 -12.11 -11.94
C ALA A 102 5.68 -11.30 -12.56
N LYS A 103 4.78 -10.83 -11.70
CA LYS A 103 3.66 -10.05 -12.16
C LYS A 103 4.14 -8.60 -12.29
N VAL A 104 3.84 -7.96 -13.42
CA VAL A 104 4.24 -6.58 -13.68
C VAL A 104 3.03 -5.66 -13.44
N ILE A 105 3.19 -4.70 -12.53
CA ILE A 105 2.10 -3.82 -12.11
C ILE A 105 2.46 -2.42 -12.53
N TYR A 106 1.51 -1.71 -13.13
CA TYR A 106 1.67 -0.28 -13.35
C TYR A 106 0.84 0.46 -12.30
N LEU A 107 1.50 1.38 -11.61
CA LEU A 107 0.80 2.22 -10.64
C LEU A 107 0.07 3.31 -11.38
N SER A 108 -1.23 3.43 -11.19
CA SER A 108 -1.99 4.45 -11.90
C SER A 108 -3.32 4.71 -11.21
N PRO A 109 -3.79 5.97 -11.23
CA PRO A 109 -5.09 6.23 -10.64
C PRO A 109 -6.24 5.57 -11.43
N GLN A 110 -5.94 5.04 -12.61
CA GLN A 110 -6.94 4.32 -13.41
C GLN A 110 -7.00 2.85 -13.08
N GLY A 111 -6.14 2.39 -12.16
CA GLY A 111 -6.10 1.01 -11.75
C GLY A 111 -7.08 0.61 -10.67
N ARG A 112 -6.96 -0.64 -10.28
CA ARG A 112 -7.79 -1.18 -9.22
C ARG A 112 -7.42 -0.46 -7.92
N LYS A 113 -8.42 0.03 -7.18
CA LYS A 113 -8.10 0.80 -5.97
C LYS A 113 -7.60 -0.15 -4.89
N LEU A 114 -6.41 0.11 -4.37
CA LEU A 114 -5.85 -0.71 -3.31
C LEU A 114 -6.70 -0.66 -2.03
N ASP A 115 -6.97 -1.84 -1.44
CA ASP A 115 -7.55 -1.96 -0.09
C ASP A 115 -6.93 -3.17 0.59
N GLN A 116 -7.28 -3.47 1.85
CA GLN A 116 -6.52 -4.53 2.55
C GLN A 116 -6.69 -5.92 1.89
N GLY A 117 -7.85 -6.17 1.31
CA GLY A 117 -8.08 -7.36 0.49
C GLY A 117 -7.13 -7.44 -0.70
N GLY A 118 -6.93 -6.31 -1.34
CA GLY A 118 -5.99 -6.27 -2.44
C GLY A 118 -4.55 -6.42 -1.96
N VAL A 119 -4.22 -5.89 -0.79
CA VAL A 119 -2.89 -6.09 -0.23
C VAL A 119 -2.64 -7.57 0.04
N THR A 120 -3.65 -8.24 0.59
CA THR A 120 -3.47 -9.66 0.89
C THR A 120 -3.29 -10.48 -0.39
N GLU A 121 -3.99 -10.10 -1.46
CA GLU A 121 -3.81 -10.77 -2.75
C GLU A 121 -2.41 -10.53 -3.29
N LEU A 122 -1.96 -9.28 -3.23
CA LEU A 122 -0.65 -8.98 -3.78
C LEU A 122 0.49 -9.64 -3.00
N ALA A 123 0.30 -9.76 -1.69
CA ALA A 123 1.32 -10.36 -0.84
C ALA A 123 1.50 -11.87 -1.10
N GLN A 124 0.63 -12.47 -1.90
CA GLN A 124 0.79 -13.89 -2.31
C GLN A 124 1.86 -14.08 -3.41
N ASN A 125 2.33 -12.98 -3.98
CA ASN A 125 3.38 -13.03 -5.01
C ASN A 125 4.76 -13.02 -4.40
N GLN A 126 5.62 -13.90 -4.88
CA GLN A 126 6.99 -13.93 -4.41
C GLN A 126 7.83 -12.86 -5.15
N LYS A 127 7.40 -12.52 -6.36
CA LYS A 127 8.07 -11.46 -7.15
C LYS A 127 7.07 -10.51 -7.77
N LEU A 128 7.36 -9.21 -7.71
CA LEU A 128 6.55 -8.20 -8.43
C LEU A 128 7.49 -7.25 -9.11
N ILE A 129 7.07 -6.68 -10.24
CA ILE A 129 7.80 -5.59 -10.83
C ILE A 129 6.82 -4.40 -10.84
N LEU A 130 7.25 -3.27 -10.31
CA LEU A 130 6.38 -2.10 -10.18
C LEU A 130 6.86 -0.99 -11.12
N VAL A 131 6.00 -0.59 -12.05
CA VAL A 131 6.39 0.46 -12.99
C VAL A 131 5.85 1.81 -12.54
N CYS A 132 6.73 2.77 -12.33
CA CYS A 132 6.32 4.06 -11.80
C CYS A 132 6.27 5.10 -12.91
N GLY A 133 5.07 5.64 -13.15
CA GLY A 133 4.97 6.69 -14.17
C GLY A 133 5.45 8.04 -13.62
N ARG A 134 5.73 8.94 -14.54
CA ARG A 134 5.98 10.36 -14.27
C ARG A 134 5.30 11.15 -15.38
N TYR A 135 5.27 12.47 -15.21
CA TYR A 135 4.64 13.37 -16.20
C TYR A 135 3.16 12.98 -16.35
N GLU A 136 2.61 12.90 -17.58
CA GLU A 136 1.21 12.50 -17.73
C GLU A 136 0.98 11.02 -17.81
N GLY A 137 2.05 10.24 -17.70
CA GLY A 137 1.94 8.79 -17.65
C GLY A 137 2.73 8.12 -18.76
N ILE A 138 2.24 6.96 -19.16
CA ILE A 138 2.96 6.14 -20.13
C ILE A 138 2.05 5.83 -21.32
N ASP A 139 2.68 5.45 -22.43
CA ASP A 139 1.90 5.06 -23.61
C ASP A 139 0.95 3.89 -23.35
N GLU A 140 -0.32 4.06 -23.74
CA GLU A 140 -1.32 3.06 -23.52
C GLU A 140 -0.94 1.68 -24.08
N ARG A 141 -0.17 1.65 -25.17
CA ARG A 141 0.19 0.35 -25.77
C ARG A 141 1.22 -0.39 -24.94
N LEU A 142 2.02 0.33 -24.16
CA LEU A 142 2.91 -0.37 -23.23
C LEU A 142 2.12 -1.03 -22.13
N ILE A 143 1.04 -0.40 -21.71
CA ILE A 143 0.18 -1.07 -20.76
C ILE A 143 -0.38 -2.37 -21.35
N GLN A 144 -0.83 -2.30 -22.60
CA GLN A 144 -1.33 -3.49 -23.24
C GLN A 144 -0.24 -4.55 -23.39
N THR A 145 0.97 -4.14 -23.75
CA THR A 145 1.98 -5.16 -24.10
C THR A 145 2.88 -5.60 -22.93
N GLU A 146 3.02 -4.77 -21.88
CA GLU A 146 3.98 -5.11 -20.85
C GLU A 146 3.40 -5.25 -19.46
N ILE A 147 2.20 -4.69 -19.24
CA ILE A 147 1.67 -4.63 -17.89
C ILE A 147 0.67 -5.74 -17.66
N ASP A 148 0.76 -6.39 -16.51
CA ASP A 148 -0.23 -7.41 -16.12
C ASP A 148 -1.45 -6.81 -15.43
N GLU A 149 -1.19 -5.92 -14.47
CA GLU A 149 -2.27 -5.33 -13.68
C GLU A 149 -1.96 -3.86 -13.41
N GLU A 150 -3.02 -3.05 -13.41
CA GLU A 150 -2.91 -1.65 -13.00
C GLU A 150 -3.51 -1.47 -11.60
N TRP A 151 -2.78 -0.79 -10.72
CA TRP A 151 -3.26 -0.60 -9.35
C TRP A 151 -3.15 0.87 -8.96
N SER A 152 -4.18 1.37 -8.31
CA SER A 152 -4.18 2.72 -7.74
C SER A 152 -4.08 2.70 -6.23
N ILE A 153 -3.40 3.67 -5.64
CA ILE A 153 -3.47 3.73 -4.15
C ILE A 153 -4.65 4.53 -3.63
N GLY A 154 -5.37 5.18 -4.53
CA GLY A 154 -6.51 5.99 -4.10
C GLY A 154 -6.97 6.95 -5.16
N ASP A 155 -8.15 7.50 -4.95
CA ASP A 155 -8.80 8.35 -5.99
C ASP A 155 -8.31 9.77 -5.90
N TYR A 156 -7.03 9.97 -6.21
CA TYR A 156 -6.39 11.30 -6.16
C TYR A 156 -5.17 11.20 -7.06
N VAL A 157 -4.67 12.34 -7.52
CA VAL A 157 -3.59 12.33 -8.53
C VAL A 157 -2.28 12.80 -7.95
N LEU A 158 -1.23 11.99 -8.10
CA LEU A 158 0.11 12.35 -7.64
C LEU A 158 1.02 12.65 -8.81
N THR A 159 2.18 13.23 -8.53
CA THR A 159 3.14 13.59 -9.58
C THR A 159 3.92 12.40 -10.15
N GLY A 160 3.89 11.26 -9.44
CA GLY A 160 4.68 10.13 -9.87
C GLY A 160 4.17 8.86 -9.22
N GLY A 161 4.57 7.73 -9.81
CA GLY A 161 4.22 6.44 -9.24
C GLY A 161 5.12 5.91 -8.10
N GLU A 162 6.18 6.62 -7.74
CA GLU A 162 7.08 6.18 -6.64
C GLU A 162 6.40 6.15 -5.25
N LEU A 163 5.67 7.18 -4.89
CA LEU A 163 5.01 7.07 -3.60
C LEU A 163 3.97 5.95 -3.59
N PRO A 164 3.17 5.82 -4.65
CA PRO A 164 2.27 4.65 -4.70
C PRO A 164 3.01 3.31 -4.64
N ALA A 165 4.14 3.22 -5.34
CA ALA A 165 4.88 1.95 -5.30
C ALA A 165 5.36 1.67 -3.92
N MET A 166 5.93 2.67 -3.27
CA MET A 166 6.39 2.49 -1.91
C MET A 166 5.27 2.14 -0.92
N THR A 167 4.11 2.73 -1.14
CA THR A 167 2.93 2.42 -0.34
C THR A 167 2.58 0.96 -0.48
N LEU A 168 2.58 0.48 -1.72
CA LEU A 168 2.25 -0.91 -1.97
C LEU A 168 3.27 -1.82 -1.30
N ILE A 169 4.56 -1.53 -1.54
CA ILE A 169 5.64 -2.30 -0.95
C ILE A 169 5.47 -2.35 0.57
N ASP A 170 5.23 -1.21 1.20
CA ASP A 170 5.15 -1.19 2.66
C ASP A 170 3.97 -2.07 3.11
N ALA A 171 2.82 -1.92 2.47
CA ALA A 171 1.62 -2.65 2.90
C ALA A 171 1.85 -4.14 2.78
N VAL A 172 2.41 -4.57 1.64
CA VAL A 172 2.66 -6.03 1.47
C VAL A 172 3.78 -6.57 2.37
N ALA A 173 4.79 -5.78 2.63
CA ALA A 173 5.94 -6.20 3.44
C ALA A 173 5.49 -6.58 4.85
N ARG A 174 4.39 -5.99 5.31
CA ARG A 174 3.92 -6.31 6.66
C ARG A 174 3.48 -7.76 6.79
N PHE A 175 3.25 -8.41 5.65
CA PHE A 175 2.82 -9.81 5.62
C PHE A 175 3.98 -10.80 5.47
N ILE A 176 5.19 -10.27 5.34
CA ILE A 176 6.38 -11.12 5.28
C ILE A 176 6.75 -11.62 6.68
N PRO A 177 6.84 -12.95 6.84
CA PRO A 177 7.09 -13.43 8.19
C PRO A 177 8.38 -12.86 8.74
N GLY A 178 8.36 -12.41 9.98
CA GLY A 178 9.58 -11.87 10.56
C GLY A 178 9.76 -10.37 10.46
N VAL A 179 8.91 -9.72 9.67
CA VAL A 179 9.06 -8.29 9.43
C VAL A 179 8.61 -7.47 10.64
N LEU A 180 7.44 -7.81 11.17
CA LEU A 180 6.96 -7.15 12.37
C LEU A 180 7.37 -8.02 13.56
N ASP A 189 -5.36 -4.97 13.67
CA ASP A 189 -5.26 -3.77 12.83
C ASP A 189 -6.57 -3.37 12.21
N SER A 190 -6.63 -2.11 11.80
CA SER A 190 -7.73 -1.63 10.99
C SER A 190 -7.82 -2.51 9.75
N PHE A 191 -9.05 -2.82 9.32
CA PHE A 191 -9.31 -3.63 8.13
C PHE A 191 -8.96 -5.10 8.22
N ALA A 192 -8.20 -5.48 9.25
CA ALA A 192 -7.75 -6.87 9.42
C ALA A 192 -8.95 -7.81 9.49
N ASP A 193 -9.92 -7.44 10.32
CA ASP A 193 -11.18 -8.17 10.42
C ASP A 193 -12.34 -7.33 9.85
N GLY A 194 -11.97 -6.33 9.06
CA GLY A 194 -12.92 -5.50 8.37
C GLY A 194 -13.24 -4.23 9.15
N LEU A 195 -12.70 -4.14 10.36
CA LEU A 195 -13.09 -3.05 11.31
C LEU A 195 -11.96 -2.06 11.50
N LEU A 196 -12.31 -0.83 11.81
CA LEU A 196 -11.28 0.11 12.27
C LEU A 196 -10.71 -0.35 13.60
N ASP A 197 -9.46 0.03 13.85
CA ASP A 197 -8.77 -0.32 15.09
C ASP A 197 -9.45 0.41 16.28
N CYS A 198 -9.26 -0.16 17.47
CA CYS A 198 -9.73 0.46 18.72
C CYS A 198 -8.74 1.58 19.11
N PRO A 199 -9.20 2.49 19.97
CA PRO A 199 -8.26 3.47 20.51
C PRO A 199 -7.27 2.80 21.43
N HIS A 200 -6.06 3.36 21.46
CA HIS A 200 -4.99 2.88 22.32
C HIS A 200 -4.54 3.99 23.26
N TYR A 201 -4.01 3.54 24.41
CA TYR A 201 -3.59 4.48 25.46
C TYR A 201 -2.27 4.02 26.06
N THR A 202 -1.43 5.00 26.39
CA THR A 202 -0.18 4.69 27.07
C THR A 202 -0.01 5.77 28.17
N ARG A 203 1.14 5.78 28.83
CA ARG A 203 1.32 6.73 29.92
C ARG A 203 1.27 8.15 29.43
N PRO A 204 0.85 9.08 30.27
CA PRO A 204 0.46 8.94 31.67
C PRO A 204 -1.00 8.51 31.86
N GLU A 205 -1.35 8.10 33.08
CA GLU A 205 -2.74 7.70 33.34
C GLU A 205 -3.74 8.84 33.12
N VAL A 206 -3.32 10.08 33.40
CA VAL A 206 -4.16 11.25 33.16
C VAL A 206 -3.39 12.25 32.28
N LEU A 207 -4.04 12.67 31.18
CA LEU A 207 -3.43 13.59 30.24
C LEU A 207 -4.39 14.73 29.95
N GLU A 208 -4.05 15.93 30.37
CA GLU A 208 -4.95 17.07 30.21
C GLU A 208 -6.37 16.75 30.71
N GLY A 209 -6.41 16.09 31.85
CA GLY A 209 -7.65 15.79 32.53
C GLY A 209 -8.39 14.58 31.98
N LEU A 210 -7.82 13.97 30.95
CA LEU A 210 -8.44 12.83 30.26
C LEU A 210 -7.81 11.55 30.78
N THR A 211 -8.65 10.68 31.32
CA THR A 211 -8.18 9.50 31.97
C THR A 211 -8.20 8.30 31.06
N VAL A 212 -7.30 7.36 31.28
CA VAL A 212 -7.37 6.09 30.56
C VAL A 212 -8.62 5.34 31.04
N PRO A 213 -9.39 4.77 30.09
CA PRO A 213 -10.52 3.93 30.54
C PRO A 213 -10.10 2.91 31.58
N PRO A 214 -10.77 2.92 32.75
CA PRO A 214 -10.40 2.02 33.84
C PRO A 214 -10.37 0.56 33.44
N VAL A 215 -11.22 0.14 32.50
CA VAL A 215 -11.15 -1.28 32.12
C VAL A 215 -9.77 -1.69 31.66
N LEU A 216 -9.09 -0.76 30.97
CA LEU A 216 -7.76 -1.06 30.50
C LEU A 216 -6.70 -1.16 31.61
N MET A 217 -6.99 -0.63 32.78
CA MET A 217 -6.07 -0.84 33.91
C MET A 217 -6.51 -2.00 34.81
N SER A 218 -7.62 -2.65 34.48
CA SER A 218 -8.25 -3.66 35.36
C SER A 218 -7.53 -4.99 35.41
N GLY A 219 -6.70 -5.26 34.41
CA GLY A 219 -6.01 -6.53 34.32
C GLY A 219 -6.91 -7.67 33.86
N HIS A 220 -8.15 -7.34 33.48
CA HIS A 220 -9.12 -8.39 33.16
C HIS A 220 -9.15 -8.61 31.65
N HIS A 221 -8.49 -9.67 31.19
CA HIS A 221 -8.19 -9.80 29.78
C HIS A 221 -9.44 -9.91 28.93
N GLU A 222 -10.46 -10.61 29.42
CA GLU A 222 -11.69 -10.82 28.67
C GLU A 222 -12.52 -9.52 28.58
N GLU A 223 -12.60 -8.75 29.67
CA GLU A 223 -13.30 -7.46 29.64
C GLU A 223 -12.54 -6.55 28.69
N ILE A 224 -11.21 -6.63 28.72
CA ILE A 224 -10.41 -5.78 27.82
C ILE A 224 -10.65 -6.15 26.35
N ARG A 225 -10.63 -7.44 26.07
CA ARG A 225 -10.92 -7.92 24.72
C ARG A 225 -12.27 -7.41 24.22
N LYS A 226 -13.31 -7.56 25.04
CA LYS A 226 -14.64 -7.10 24.66
C LYS A 226 -14.71 -5.59 24.51
N TRP A 227 -14.04 -4.86 25.39
CA TRP A 227 -14.03 -3.40 25.24
C TRP A 227 -13.42 -2.96 23.90
N ARG A 228 -12.28 -3.56 23.56
CA ARG A 228 -11.55 -3.17 22.33
C ARG A 228 -12.43 -3.52 21.12
N LEU A 229 -13.08 -4.68 21.14
CA LEU A 229 -13.94 -5.07 20.02
C LEU A 229 -15.17 -4.16 19.91
N LYS A 230 -15.81 -3.86 21.03
CA LYS A 230 -16.92 -2.93 20.99
C LYS A 230 -16.49 -1.54 20.49
N GLN A 231 -15.29 -1.10 20.91
CA GLN A 231 -14.78 0.17 20.37
C GLN A 231 -14.57 0.14 18.89
N SER A 232 -14.02 -0.94 18.37
CA SER A 232 -13.79 -1.06 16.95
C SER A 232 -15.11 -1.04 16.21
N LEU A 233 -16.10 -1.76 16.75
CA LEU A 233 -17.40 -1.74 16.11
C LEU A 233 -18.04 -0.35 16.10
N GLN A 234 -18.01 0.31 17.25
CA GLN A 234 -18.56 1.66 17.42
C GLN A 234 -17.89 2.65 16.44
N ARG A 235 -16.57 2.61 16.40
CA ARG A 235 -15.85 3.54 15.54
C ARG A 235 -16.12 3.26 14.08
N THR A 236 -16.18 2.00 13.69
CA THR A 236 -16.47 1.69 12.31
C THR A 236 -17.88 2.18 11.94
N TRP A 237 -18.83 1.94 12.84
CA TRP A 237 -20.21 2.39 12.64
C TRP A 237 -20.36 3.93 12.48
N LEU A 238 -19.75 4.66 13.38
CA LEU A 238 -19.79 6.13 13.36
C LEU A 238 -19.02 6.73 12.19
N ARG A 239 -17.84 6.19 11.90
CA ARG A 239 -16.95 6.77 10.86
C ARG A 239 -17.14 6.21 9.46
N ARG A 240 -17.35 4.91 9.36
CA ARG A 240 -17.35 4.23 8.07
C ARG A 240 -18.46 3.18 8.04
N PRO A 241 -19.72 3.62 8.18
CA PRO A 241 -20.82 2.69 8.32
C PRO A 241 -20.94 1.79 7.10
N GLU A 242 -20.44 2.25 5.94
CA GLU A 242 -20.49 1.43 4.73
C GLU A 242 -19.63 0.18 4.82
N LEU A 243 -18.55 0.26 5.60
CA LEU A 243 -17.69 -0.90 5.83
C LEU A 243 -18.40 -2.01 6.61
N LEU A 244 -19.28 -1.60 7.53
CA LEU A 244 -20.02 -2.57 8.34
C LEU A 244 -20.96 -3.43 7.51
N GLU A 245 -21.55 -2.84 6.47
CA GLU A 245 -22.44 -3.53 5.53
C GLU A 245 -21.83 -4.76 4.85
N GLY A 246 -20.53 -4.69 4.60
CA GLY A 246 -19.88 -5.75 3.86
C GLY A 246 -19.46 -6.87 4.77
N LEU A 247 -19.81 -6.78 6.04
CA LEU A 247 -19.33 -7.76 7.00
C LEU A 247 -20.43 -8.67 7.46
N ALA A 248 -20.03 -9.89 7.75
CA ALA A 248 -20.89 -10.86 8.39
C ALA A 248 -20.44 -10.91 9.85
N LEU A 249 -21.11 -10.16 10.71
CA LEU A 249 -20.68 -10.11 12.10
C LEU A 249 -20.94 -11.41 12.84
N THR A 250 -20.03 -11.75 13.76
CA THR A 250 -20.28 -12.84 14.69
C THR A 250 -21.41 -12.48 15.65
N ASP A 251 -21.94 -13.46 16.37
CA ASP A 251 -23.00 -13.13 17.32
C ASP A 251 -22.50 -12.11 18.38
N GLU A 252 -21.26 -12.32 18.82
CA GLU A 252 -20.71 -11.42 19.83
C GLU A 252 -20.58 -10.02 19.26
N GLN A 253 -20.08 -9.92 18.02
CA GLN A 253 -19.98 -8.60 17.40
C GLN A 253 -21.33 -7.92 17.25
N ARG A 254 -22.37 -8.69 16.88
CA ARG A 254 -23.71 -8.10 16.77
C ARG A 254 -24.18 -7.55 18.10
N LYS A 255 -23.94 -8.30 19.17
CA LYS A 255 -24.34 -7.89 20.52
C LYS A 255 -23.58 -6.60 20.94
N LEU A 256 -22.27 -6.59 20.72
CA LEU A 256 -21.45 -5.44 21.17
C LEU A 256 -21.79 -4.21 20.36
N LEU A 257 -22.04 -4.38 19.08
CA LEU A 257 -22.47 -3.27 18.23
C LEU A 257 -23.83 -2.73 18.71
N LYS A 258 -24.80 -3.64 18.94
CA LYS A 258 -26.09 -3.16 19.47
C LYS A 258 -25.93 -2.39 20.77
N GLU A 259 -25.07 -2.87 21.67
CA GLU A 259 -24.82 -2.16 22.93
C GLU A 259 -24.27 -0.77 22.68
N ALA A 260 -23.35 -0.63 21.73
CA ALA A 260 -22.72 0.67 21.47
C ALA A 260 -23.71 1.65 20.89
N GLN A 261 -24.56 1.15 19.99
CA GLN A 261 -25.59 1.96 19.38
C GLN A 261 -26.61 2.41 20.44
N ALA A 262 -26.95 1.53 21.36
CA ALA A 262 -27.88 1.87 22.43
C ALA A 262 -27.27 2.94 23.33
N GLU A 263 -25.96 2.84 23.63
CA GLU A 263 -25.31 3.86 24.45
C GLU A 263 -25.23 5.18 23.73
N HIS A 264 -25.04 5.12 22.42
CA HIS A 264 -24.91 6.34 21.64
C HIS A 264 -26.23 7.08 21.67
N ASN A 265 -27.33 6.33 21.58
CA ASN A 265 -28.66 6.91 21.62
C ASN A 265 -28.95 7.51 23.00
N SER A 266 -28.63 6.75 24.04
CA SER A 266 -29.00 7.09 25.41
C SER A 266 -28.61 8.49 25.89
#